data_4XA5
#
_entry.id   4XA5
#
_cell.length_a   55.967
_cell.length_b   62.340
_cell.length_c   141.613
_cell.angle_alpha   90.00
_cell.angle_beta   90.00
_cell.angle_gamma   90.00
#
_symmetry.space_group_name_H-M   'P 21 21 21'
#
loop_
_entity.id
_entity.type
_entity.pdbx_description
1 polymer 'DNA polymerase lambda'
2 polymer "DOWNSTREAM PRIMER DNA (5'-D(P*GP*CP*CP*G)-3')"
3 polymer "PRIMER DNA (5'-D(*CP*AP*GP*TP*AP*(DOC))-3')"
4 polymer "TEMPLATE DNA (5'-D(*CP*GP*GP*CP*AP*GP*TP*AP*CP*TP*G)-3')"
5 non-polymer "8-OXO-2'-DEOXYGUANOSINE-5'-TRIPHOSPHATE"
6 non-polymer 'MAGNESIUM ION'
7 non-polymer 'ACETATE ION'
8 non-polymer GLYCEROL
9 water water
#
loop_
_entity_poly.entity_id
_entity_poly.type
_entity_poly.pdbx_seq_one_letter_code
_entity_poly.pdbx_strand_id
1 'polypeptide(L)'
;NHNLHITEKLEVLAKAYSVQGDKWRALGYAKAINALKSFHKPVTSYQEA(CAS)SIPGIGKRMAEKIIEILESGHLRKLD
HISESVPVLELFSNIWGAGTKTAQMWYQQGFRSLEDIRSQASLTTQQAIGLKHYSDFLERMPREEATEIEQTVQKAAQAF
NSGLLCVACGSYRRGKATCGDVDVLITHPDGRSHRGIFSRLLDSLRQEGFLTDDLVSQEENGQQQKYLGVCRLPGPGRRH
RRLDIIVVPYSEFACALLYFTGSAHFNRSMRALAKTKGMSLSEHALSTAVVRNTHGCKVGPGRVLPTPTEKDVFRLLGLP
YREPAERDW
;
A
2 'polydeoxyribonucleotide' (DG)(DC)(DC)(DG) D
3 'polydeoxyribonucleotide' (DC)(DA)(DG)(DT)(DA)(DOC) P
4 'polydeoxyribonucleotide' (DC)(DG)(DG)(DC)(DA)(DG)(DT)(DA)(DC)(DT)(DG) T
#
# COMPACT_ATOMS: atom_id res chain seq x y z
N HIS A 2 -3.97 21.86 7.42
CA HIS A 2 -4.67 20.59 7.55
C HIS A 2 -6.18 20.78 7.48
N ASN A 3 -6.62 21.91 6.96
CA ASN A 3 -8.05 22.18 6.88
C ASN A 3 -8.57 22.61 5.50
N LEU A 4 -9.44 21.79 4.92
CA LEU A 4 -10.05 22.13 3.63
C LEU A 4 -11.40 21.45 3.40
N HIS A 5 -12.27 22.14 2.66
CA HIS A 5 -13.60 21.66 2.33
C HIS A 5 -13.68 21.38 0.83
N ILE A 6 -12.56 21.57 0.14
CA ILE A 6 -12.51 21.33 -1.28
C ILE A 6 -12.14 19.87 -1.48
N THR A 7 -11.21 19.40 -0.67
CA THR A 7 -10.74 18.02 -0.74
C THR A 7 -11.87 17.00 -0.59
N GLU A 8 -12.82 17.28 0.29
CA GLU A 8 -13.95 16.34 0.50
C GLU A 8 -14.64 16.06 -0.85
N LYS A 9 -14.91 17.10 -1.61
CA LYS A 9 -15.55 17.00 -2.94
C LYS A 9 -14.60 16.31 -3.97
N LEU A 10 -13.33 16.71 -3.98
CA LEU A 10 -12.33 16.17 -4.93
C LEU A 10 -12.04 14.66 -4.74
N GLU A 11 -12.02 14.20 -3.50
CA GLU A 11 -11.88 12.78 -3.24
C GLU A 11 -12.89 11.90 -3.91
N VAL A 12 -14.14 12.35 -3.98
CA VAL A 12 -15.25 11.56 -4.61
C VAL A 12 -14.93 11.37 -6.11
N LEU A 13 -14.50 12.46 -6.73
CA LEU A 13 -14.07 12.39 -8.11
C LEU A 13 -12.88 11.51 -8.34
N ALA A 14 -11.88 11.61 -7.46
CA ALA A 14 -10.68 10.86 -7.62
C ALA A 14 -11.00 9.39 -7.53
N LYS A 15 -11.85 9.04 -6.57
CA LYS A 15 -12.18 7.62 -6.36
C LYS A 15 -12.97 7.09 -7.59
N ALA A 16 -13.84 7.89 -8.12
CA ALA A 16 -14.58 7.52 -9.33
C ALA A 16 -13.70 7.22 -10.58
N TYR A 17 -12.76 8.11 -10.83
CA TYR A 17 -11.81 7.86 -11.90
C TYR A 17 -10.98 6.64 -11.59
N SER A 18 -10.55 6.50 -10.36
CA SER A 18 -9.80 5.34 -9.97
C SER A 18 -10.49 4.00 -10.21
N VAL A 19 -11.73 3.85 -9.74
CA VAL A 19 -12.41 2.58 -9.96
C VAL A 19 -12.78 2.33 -11.42
N GLN A 20 -12.91 3.40 -12.25
CA GLN A 20 -13.17 3.24 -13.66
C GLN A 20 -11.90 2.98 -14.44
N GLY A 21 -10.76 2.91 -13.77
CA GLY A 21 -9.51 2.60 -14.46
C GLY A 21 -8.73 3.80 -15.05
N ASP A 22 -9.26 5.02 -14.90
CA ASP A 22 -8.49 6.22 -15.36
C ASP A 22 -7.43 6.61 -14.34
N LYS A 23 -6.37 5.79 -14.35
CA LYS A 23 -5.41 5.80 -13.26
C LYS A 23 -4.53 7.07 -13.25
N TRP A 24 -4.21 7.58 -14.41
CA TRP A 24 -3.45 8.80 -14.44
C TRP A 24 -4.22 10.00 -13.95
N ARG A 25 -5.46 10.10 -14.34
CA ARG A 25 -6.28 11.23 -13.95
C ARG A 25 -6.43 11.10 -12.43
N ALA A 26 -6.65 9.88 -11.92
CA ALA A 26 -6.84 9.72 -10.50
C ALA A 26 -5.60 10.11 -9.73
N LEU A 27 -4.44 9.86 -10.33
CA LEU A 27 -3.16 10.27 -9.72
C LEU A 27 -3.02 11.78 -9.65
N GLY A 28 -3.31 12.48 -10.75
CA GLY A 28 -3.34 13.95 -10.67
C GLY A 28 -4.22 14.46 -9.51
N TYR A 29 -5.41 13.88 -9.36
CA TYR A 29 -6.32 14.27 -8.26
C TYR A 29 -5.70 14.02 -6.88
N ALA A 30 -5.22 12.79 -6.67
CA ALA A 30 -4.54 12.41 -5.39
C ALA A 30 -3.48 13.40 -4.94
N LYS A 31 -2.63 13.85 -5.86
CA LYS A 31 -1.63 14.81 -5.52
C LYS A 31 -2.21 16.18 -5.23
N ALA A 32 -3.32 16.53 -5.88
CA ALA A 32 -3.85 17.86 -5.72
C ALA A 32 -4.41 17.96 -4.32
N ILE A 33 -5.08 16.89 -3.95
CA ILE A 33 -5.64 16.72 -2.65
C ILE A 33 -4.50 16.82 -1.63
N ASN A 34 -3.39 16.12 -1.84
CA ASN A 34 -2.27 16.22 -0.87
C ASN A 34 -1.81 17.66 -0.72
N ALA A 35 -1.60 18.35 -1.84
CA ALA A 35 -1.23 19.74 -1.77
C ALA A 35 -2.26 20.54 -0.95
N LEU A 36 -3.54 20.36 -1.24
CA LEU A 36 -4.59 21.10 -0.53
C LEU A 36 -4.56 20.75 0.96
N LYS A 37 -4.26 19.49 1.25
CA LYS A 37 -4.31 19.01 2.63
C LYS A 37 -3.26 19.67 3.51
N SER A 38 -2.07 19.92 2.96
CA SER A 38 -1.00 20.50 3.75
C SER A 38 -0.70 21.98 3.45
N PHE A 39 -1.70 22.74 3.01
CA PHE A 39 -1.54 24.20 2.85
C PHE A 39 -2.02 24.81 4.16
N HIS A 40 -1.26 25.74 4.70
CA HIS A 40 -1.66 26.43 5.93
C HIS A 40 -3.06 27.04 5.82
N LYS A 41 -3.17 28.06 4.97
CA LYS A 41 -4.34 28.93 4.79
C LYS A 41 -5.50 28.16 4.09
N PRO A 42 -6.76 28.57 4.32
CA PRO A 42 -7.75 28.18 3.32
C PRO A 42 -7.38 28.82 1.99
N VAL A 43 -7.62 28.11 0.90
CA VAL A 43 -7.28 28.65 -0.40
C VAL A 43 -8.41 29.60 -0.78
N THR A 44 -8.07 30.80 -1.25
CA THR A 44 -9.09 31.79 -1.51
C THR A 44 -9.12 32.35 -2.93
N SER A 45 -7.97 32.63 -3.55
CA SER A 45 -7.97 33.12 -4.93
C SER A 45 -7.73 31.92 -5.88
N TYR A 46 -8.33 31.96 -7.07
CA TYR A 46 -7.86 31.23 -8.25
C TYR A 46 -6.34 31.43 -8.41
N GLN A 47 -5.90 32.69 -8.35
CA GLN A 47 -4.48 33.09 -8.33
C GLN A 47 -3.71 32.28 -7.30
N GLU A 48 -4.29 32.12 -6.11
CA GLU A 48 -3.66 31.35 -5.04
C GLU A 48 -3.66 29.85 -5.32
N ALA A 49 -4.71 29.33 -5.94
CA ALA A 49 -4.69 27.91 -6.27
C ALA A 49 -3.61 27.59 -7.32
N SER A 51 -1.02 29.12 -8.07
CA SER A 51 0.35 29.24 -7.52
C SER A 51 0.88 27.90 -6.99
N ILE A 52 0.02 27.03 -6.47
CA ILE A 52 0.52 25.80 -5.85
C ILE A 52 1.00 24.74 -6.86
N PRO A 53 2.12 24.04 -6.57
CA PRO A 53 2.50 22.84 -7.32
C PRO A 53 1.57 21.67 -7.07
N GLY A 54 1.16 21.01 -8.15
CA GLY A 54 0.11 20.00 -8.02
C GLY A 54 -1.29 20.49 -8.39
N ILE A 55 -1.43 21.80 -8.55
CA ILE A 55 -2.69 22.47 -8.89
C ILE A 55 -2.55 23.31 -10.16
N GLY A 56 -3.10 22.79 -11.27
CA GLY A 56 -3.07 23.45 -12.60
C GLY A 56 -4.33 24.20 -12.97
N LYS A 57 -4.37 24.81 -14.17
CA LYS A 57 -5.57 25.47 -14.69
C LYS A 57 -6.83 24.77 -14.31
N ARG A 58 -6.93 23.49 -14.61
CA ARG A 58 -8.19 22.79 -14.45
C ARG A 58 -8.54 22.58 -12.99
N MET A 59 -7.56 22.25 -12.13
CA MET A 59 -7.85 22.03 -10.74
C MET A 59 -8.27 23.34 -10.06
N ALA A 60 -7.62 24.42 -10.43
CA ALA A 60 -7.94 25.76 -9.96
C ALA A 60 -9.38 26.16 -10.31
N GLU A 61 -9.85 25.85 -11.51
CA GLU A 61 -11.25 26.19 -11.92
C GLU A 61 -12.23 25.44 -10.99
N LYS A 62 -11.99 24.16 -10.78
CA LYS A 62 -12.79 23.38 -9.83
C LYS A 62 -12.81 23.95 -8.43
N ILE A 63 -11.66 24.36 -7.91
CA ILE A 63 -11.59 25.06 -6.64
C ILE A 63 -12.43 26.37 -6.68
N ILE A 64 -12.23 27.24 -7.68
CA ILE A 64 -12.98 28.51 -7.76
C ILE A 64 -14.49 28.24 -7.80
N GLU A 65 -14.92 27.11 -8.38
CA GLU A 65 -16.35 26.75 -8.46
C GLU A 65 -16.97 26.39 -7.10
N ILE A 66 -16.23 25.58 -6.35
CA ILE A 66 -16.58 25.18 -4.98
C ILE A 66 -16.65 26.41 -4.09
N LEU A 67 -15.68 27.33 -4.21
CA LEU A 67 -15.72 28.61 -3.47
C LEU A 67 -16.88 29.47 -3.90
N GLU A 68 -16.88 29.91 -5.17
CA GLU A 68 -17.93 30.77 -5.72
C GLU A 68 -19.28 30.23 -5.31
N SER A 69 -19.64 29.04 -5.79
CA SER A 69 -20.90 28.39 -5.34
C SER A 69 -20.57 27.53 -4.14
N GLY A 70 -21.45 26.65 -3.71
CA GLY A 70 -21.04 25.69 -2.66
C GLY A 70 -20.78 24.27 -3.18
N HIS A 71 -20.68 24.14 -4.49
CA HIS A 71 -20.76 22.78 -5.08
C HIS A 71 -19.80 22.57 -6.24
N LEU A 72 -19.68 21.33 -6.67
CA LEU A 72 -18.93 20.99 -7.88
C LEU A 72 -19.91 20.21 -8.74
N ARG A 73 -20.29 20.81 -9.87
CA ARG A 73 -21.30 20.25 -10.75
C ARG A 73 -20.98 18.85 -11.23
N LYS A 74 -19.72 18.58 -11.52
CA LYS A 74 -19.29 17.28 -12.01
C LYS A 74 -19.69 16.14 -11.04
N LEU A 75 -19.80 16.46 -9.75
CA LEU A 75 -20.26 15.48 -8.77
C LEU A 75 -21.68 14.93 -9.06
N ASP A 76 -22.51 15.70 -9.76
CA ASP A 76 -23.85 15.28 -10.13
C ASP A 76 -23.91 14.34 -11.32
N HIS A 77 -22.76 14.09 -11.94
CA HIS A 77 -22.71 13.36 -13.19
C HIS A 77 -21.82 12.16 -13.15
N ILE A 78 -21.52 11.68 -11.96
CA ILE A 78 -20.69 10.51 -11.83
C ILE A 78 -21.43 9.32 -12.34
N SER A 79 -20.74 8.42 -13.05
CA SER A 79 -21.46 7.26 -13.58
C SER A 79 -22.13 6.42 -12.48
N GLU A 80 -23.34 5.97 -12.79
CA GLU A 80 -24.14 5.18 -11.88
C GLU A 80 -23.44 3.84 -11.56
N SER A 81 -22.45 3.41 -12.36
CA SER A 81 -21.67 2.18 -12.09
C SER A 81 -20.67 2.26 -11.00
N VAL A 82 -20.29 3.48 -10.62
CA VAL A 82 -19.15 3.66 -9.74
C VAL A 82 -19.34 2.92 -8.38
N PRO A 83 -20.51 3.03 -7.72
CA PRO A 83 -20.61 2.36 -6.41
C PRO A 83 -20.41 0.85 -6.52
N VAL A 84 -20.90 0.28 -7.59
CA VAL A 84 -20.71 -1.16 -7.83
C VAL A 84 -19.31 -1.52 -8.20
N LEU A 85 -18.72 -0.77 -9.08
CA LEU A 85 -17.31 -0.99 -9.37
C LEU A 85 -16.40 -0.91 -8.13
N GLU A 86 -16.69 0.01 -7.21
CA GLU A 86 -15.99 0.10 -5.94
C GLU A 86 -16.21 -1.15 -5.06
N LEU A 87 -17.46 -1.55 -4.93
CA LEU A 87 -17.83 -2.79 -4.24
C LEU A 87 -17.03 -3.95 -4.77
N PHE A 88 -17.00 -4.13 -6.07
CA PHE A 88 -16.30 -5.28 -6.67
C PHE A 88 -14.77 -5.17 -6.59
N SER A 89 -14.18 -3.98 -6.81
CA SER A 89 -12.70 -3.85 -6.70
C SER A 89 -12.16 -3.82 -5.28
N ASN A 90 -13.05 -3.79 -4.27
CA ASN A 90 -12.68 -4.03 -2.89
C ASN A 90 -12.55 -5.52 -2.52
N ILE A 91 -12.77 -6.40 -3.49
CA ILE A 91 -12.45 -7.80 -3.36
C ILE A 91 -10.95 -7.88 -3.67
N TRP A 92 -10.16 -8.41 -2.70
CA TRP A 92 -8.74 -8.63 -2.88
C TRP A 92 -8.49 -9.56 -4.01
N GLY A 93 -7.66 -9.14 -4.96
CA GLY A 93 -7.42 -9.92 -6.18
C GLY A 93 -8.26 -9.55 -7.42
N ALA A 94 -9.28 -8.71 -7.22
CA ALA A 94 -10.05 -8.16 -8.35
C ALA A 94 -9.72 -6.66 -8.40
N GLY A 95 -9.45 -6.15 -9.60
CA GLY A 95 -9.15 -4.73 -9.83
C GLY A 95 -10.12 -4.21 -10.82
N THR A 96 -9.76 -3.12 -11.46
CA THR A 96 -10.74 -2.40 -12.32
CA THR A 96 -10.74 -2.39 -12.32
C THR A 96 -11.20 -3.20 -13.52
N LYS A 97 -10.30 -3.95 -14.14
CA LYS A 97 -10.71 -4.75 -15.32
C LYS A 97 -11.73 -5.81 -14.99
N THR A 98 -11.49 -6.51 -13.90
CA THR A 98 -12.39 -7.55 -13.51
C THR A 98 -13.75 -6.94 -13.06
N ALA A 99 -13.68 -5.87 -12.28
CA ALA A 99 -14.86 -5.19 -11.84
C ALA A 99 -15.72 -4.78 -13.05
N GLN A 100 -15.10 -4.18 -14.07
CA GLN A 100 -15.80 -3.72 -15.28
C GLN A 100 -16.45 -4.83 -16.07
N MET A 101 -15.73 -5.94 -16.14
CA MET A 101 -16.29 -7.18 -16.78
C MET A 101 -17.52 -7.71 -16.03
N TRP A 102 -17.44 -7.86 -14.72
CA TRP A 102 -18.59 -8.26 -13.92
C TRP A 102 -19.75 -7.30 -14.07
N TYR A 103 -19.47 -6.00 -14.11
CA TYR A 103 -20.50 -5.04 -14.36
C TYR A 103 -21.21 -5.26 -15.75
N GLN A 104 -20.41 -5.40 -16.80
CA GLN A 104 -20.90 -5.64 -18.14
C GLN A 104 -21.74 -6.92 -18.22
N GLN A 105 -21.40 -7.92 -17.44
CA GLN A 105 -22.17 -9.13 -17.31
C GLN A 105 -23.44 -9.04 -16.54
N GLY A 106 -23.75 -7.88 -15.95
CA GLY A 106 -25.02 -7.73 -15.26
C GLY A 106 -25.01 -7.91 -13.78
N PHE A 107 -23.80 -8.11 -13.21
CA PHE A 107 -23.69 -8.32 -11.79
C PHE A 107 -23.72 -6.96 -11.10
N ARG A 108 -24.31 -6.95 -9.92
CA ARG A 108 -24.51 -5.71 -9.20
C ARG A 108 -24.29 -5.86 -7.70
N SER A 109 -24.14 -7.07 -7.16
CA SER A 109 -24.00 -7.25 -5.72
C SER A 109 -23.00 -8.37 -5.49
N LEU A 110 -22.55 -8.47 -4.27
CA LEU A 110 -21.66 -9.56 -3.92
C LEU A 110 -22.40 -10.91 -3.93
N GLU A 111 -23.70 -10.88 -3.73
CA GLU A 111 -24.49 -12.10 -3.94
C GLU A 111 -24.46 -12.53 -5.39
N ASP A 112 -24.59 -11.60 -6.35
CA ASP A 112 -24.42 -11.97 -7.78
C ASP A 112 -23.00 -12.57 -8.01
N ILE A 113 -21.97 -11.93 -7.44
CA ILE A 113 -20.57 -12.44 -7.57
C ILE A 113 -20.48 -13.87 -7.03
N ARG A 114 -20.91 -14.06 -5.79
CA ARG A 114 -20.83 -15.33 -5.12
C ARG A 114 -21.57 -16.40 -5.94
N SER A 115 -22.78 -16.12 -6.36
CA SER A 115 -23.60 -17.16 -7.01
C SER A 115 -23.33 -17.36 -8.48
N GLN A 116 -22.84 -16.35 -9.19
CA GLN A 116 -22.76 -16.42 -10.65
C GLN A 116 -21.39 -16.15 -11.28
N ALA A 117 -20.51 -15.42 -10.60
CA ALA A 117 -19.25 -15.00 -11.21
C ALA A 117 -18.19 -16.08 -11.17
N SER A 118 -17.28 -16.07 -12.13
CA SER A 118 -16.13 -16.95 -12.10
C SER A 118 -15.13 -16.22 -11.25
N LEU A 119 -14.60 -16.84 -10.20
CA LEU A 119 -13.65 -16.23 -9.27
C LEU A 119 -12.31 -16.91 -9.40
N THR A 120 -11.25 -16.16 -9.31
CA THR A 120 -9.97 -16.84 -9.11
C THR A 120 -9.90 -17.31 -7.67
N THR A 121 -8.90 -18.12 -7.43
CA THR A 121 -8.59 -18.64 -6.12
C THR A 121 -8.40 -17.50 -5.13
N GLN A 122 -7.62 -16.49 -5.53
CA GLN A 122 -7.35 -15.32 -4.70
C GLN A 122 -8.61 -14.53 -4.43
N GLN A 123 -9.40 -14.34 -5.48
CA GLN A 123 -10.69 -13.61 -5.34
C GLN A 123 -11.70 -14.33 -4.43
N ALA A 124 -11.74 -15.68 -4.48
CA ALA A 124 -12.63 -16.42 -3.61
C ALA A 124 -12.26 -16.19 -2.12
N ILE A 125 -10.97 -16.08 -1.87
CA ILE A 125 -10.48 -15.76 -0.58
C ILE A 125 -10.76 -14.30 -0.17
N GLY A 126 -10.61 -13.37 -1.10
CA GLY A 126 -10.97 -11.97 -0.83
C GLY A 126 -12.41 -11.85 -0.46
N LEU A 127 -13.23 -12.64 -1.16
CA LEU A 127 -14.67 -12.49 -1.06
C LEU A 127 -15.09 -13.01 0.29
N LYS A 128 -14.49 -14.12 0.66
CA LYS A 128 -14.91 -14.73 1.91
C LYS A 128 -14.47 -13.94 3.14
N HIS A 129 -13.41 -13.14 3.00
CA HIS A 129 -12.96 -12.22 4.03
C HIS A 129 -13.32 -10.76 3.69
N TYR A 130 -14.41 -10.55 2.97
CA TYR A 130 -14.70 -9.18 2.42
C TYR A 130 -14.74 -8.09 3.51
N SER A 131 -15.58 -8.28 4.54
CA SER A 131 -15.71 -7.27 5.58
C SER A 131 -14.38 -7.19 6.32
N ASP A 132 -13.81 -8.33 6.71
CA ASP A 132 -12.60 -8.28 7.51
C ASP A 132 -11.48 -7.47 6.86
N PHE A 133 -11.31 -7.66 5.56
CA PHE A 133 -10.20 -7.04 4.88
C PHE A 133 -10.43 -5.53 4.66
N LEU A 134 -11.66 -5.06 4.89
CA LEU A 134 -11.90 -3.58 4.83
C LEU A 134 -11.66 -2.92 6.16
N GLU A 135 -11.55 -3.70 7.22
CA GLU A 135 -11.31 -3.14 8.52
C GLU A 135 -9.83 -2.88 8.76
N ARG A 136 -9.53 -1.86 9.53
CA ARG A 136 -8.14 -1.67 10.04
C ARG A 136 -8.07 -2.22 11.42
N MET A 137 -6.99 -2.85 11.80
CA MET A 137 -6.86 -3.27 13.19
C MET A 137 -6.15 -2.26 14.11
N PRO A 138 -6.36 -2.37 15.42
CA PRO A 138 -5.60 -1.54 16.34
C PRO A 138 -4.15 -1.86 16.22
N ARG A 139 -3.30 -0.86 16.41
CA ARG A 139 -1.87 -1.15 16.31
C ARG A 139 -1.39 -2.20 17.30
N GLU A 140 -2.00 -2.26 18.51
CA GLU A 140 -1.68 -3.33 19.47
C GLU A 140 -1.82 -4.77 18.86
N GLU A 141 -2.74 -4.97 17.95
CA GLU A 141 -2.96 -6.29 17.29
C GLU A 141 -1.87 -6.54 16.23
N ALA A 142 -1.49 -5.50 15.52
CA ALA A 142 -0.38 -5.60 14.58
C ALA A 142 0.90 -5.99 15.35
N THR A 143 1.06 -5.45 16.55
CA THR A 143 2.17 -5.85 17.41
C THR A 143 2.18 -7.36 17.69
N GLU A 144 1.04 -7.92 18.04
CA GLU A 144 0.89 -9.33 18.41
C GLU A 144 1.17 -10.21 17.19
N ILE A 145 0.71 -9.76 16.05
CA ILE A 145 0.98 -10.45 14.76
C ILE A 145 2.50 -10.45 14.40
N GLU A 146 3.18 -9.29 14.52
CA GLU A 146 4.61 -9.19 14.30
C GLU A 146 5.40 -10.15 15.22
N GLN A 147 5.05 -10.13 16.50
CA GLN A 147 5.60 -11.01 17.52
C GLN A 147 5.34 -12.49 17.26
N THR A 148 4.22 -12.86 16.70
CA THR A 148 3.97 -14.25 16.35
C THR A 148 4.91 -14.68 15.23
N VAL A 149 5.04 -13.79 14.22
CA VAL A 149 5.93 -14.10 13.15
C VAL A 149 7.41 -14.17 13.62
N GLN A 150 7.82 -13.18 14.40
CA GLN A 150 9.14 -13.14 14.95
C GLN A 150 9.55 -14.33 15.82
N LYS A 151 8.63 -14.84 16.61
CA LYS A 151 8.90 -15.97 17.46
C LYS A 151 9.13 -17.21 16.64
N ALA A 152 8.25 -17.42 15.66
CA ALA A 152 8.39 -18.52 14.70
C ALA A 152 9.73 -18.48 13.96
N ALA A 153 10.12 -17.31 13.44
CA ALA A 153 11.39 -17.14 12.71
C ALA A 153 12.57 -17.40 13.63
N GLN A 154 12.58 -16.71 14.76
CA GLN A 154 13.66 -16.78 15.73
C GLN A 154 13.90 -18.17 16.30
N ALA A 155 12.85 -18.97 16.41
CA ALA A 155 13.02 -20.32 16.92
C ALA A 155 14.00 -21.02 15.98
N PHE A 156 13.81 -20.84 14.67
CA PHE A 156 14.68 -21.43 13.66
C PHE A 156 16.09 -20.87 13.69
N ASN A 157 16.19 -19.56 13.78
CA ASN A 157 17.46 -18.87 13.83
C ASN A 157 17.32 -17.65 14.71
N SER A 158 18.08 -17.60 15.78
CA SER A 158 18.04 -16.49 16.73
C SER A 158 18.50 -15.15 16.20
N GLY A 159 19.40 -15.19 15.22
CA GLY A 159 19.99 -13.97 14.65
C GLY A 159 19.09 -13.31 13.58
N LEU A 160 17.91 -13.88 13.31
CA LEU A 160 17.05 -13.31 12.30
C LEU A 160 16.46 -12.02 12.83
N LEU A 161 16.37 -10.99 11.98
CA LEU A 161 15.90 -9.65 12.40
C LEU A 161 14.53 -9.44 11.78
N CYS A 162 13.50 -9.06 12.55
CA CYS A 162 12.14 -9.00 12.07
C CYS A 162 11.60 -7.64 12.48
N VAL A 163 11.08 -6.84 11.53
CA VAL A 163 10.64 -5.48 11.80
C VAL A 163 9.31 -5.32 11.10
N ALA A 164 8.25 -4.89 11.81
CA ALA A 164 7.04 -4.53 11.14
C ALA A 164 7.20 -3.19 10.48
N CYS A 165 6.83 -3.10 9.19
CA CYS A 165 6.97 -1.91 8.40
C CYS A 165 5.60 -1.25 8.14
N GLY A 166 5.39 -0.80 6.91
CA GLY A 166 4.12 -0.11 6.55
C GLY A 166 3.64 0.98 7.53
N SER A 167 2.32 1.06 7.69
CA SER A 167 1.73 2.01 8.57
C SER A 167 2.11 1.86 9.99
N TYR A 168 2.41 0.65 10.40
CA TYR A 168 2.81 0.40 11.76
C TYR A 168 4.10 1.13 12.06
N ARG A 169 5.05 1.10 11.12
CA ARG A 169 6.35 1.73 11.41
C ARG A 169 6.18 3.22 11.28
N ARG A 170 5.23 3.66 10.47
CA ARG A 170 4.94 5.09 10.37
C ARG A 170 4.17 5.61 11.59
N GLY A 171 3.90 4.76 12.56
CA GLY A 171 3.35 5.22 13.85
C GLY A 171 1.82 5.37 13.84
N LYS A 172 1.12 4.73 12.94
CA LYS A 172 -0.31 5.01 12.80
C LYS A 172 -1.05 4.21 13.91
N ALA A 173 -2.18 4.73 14.38
CA ALA A 173 -2.88 4.07 15.47
C ALA A 173 -3.64 2.80 15.00
N THR A 174 -3.95 2.73 13.72
CA THR A 174 -4.58 1.55 13.14
C THR A 174 -3.87 1.15 11.85
N CYS A 175 -3.99 -0.11 11.45
CA CYS A 175 -3.23 -0.67 10.37
C CYS A 175 -4.06 -1.58 9.48
N GLY A 176 -3.97 -1.41 8.16
CA GLY A 176 -4.78 -2.12 7.21
C GLY A 176 -4.42 -3.62 7.21
N ASP A 177 -3.15 -3.90 7.46
CA ASP A 177 -2.66 -5.24 7.53
C ASP A 177 -1.29 -5.16 8.26
N VAL A 178 -0.54 -6.26 8.25
CA VAL A 178 0.80 -6.26 8.91
C VAL A 178 1.83 -6.63 7.89
N ASP A 179 2.91 -5.86 7.82
CA ASP A 179 3.98 -6.15 6.88
C ASP A 179 5.28 -6.40 7.62
N VAL A 180 5.80 -7.63 7.51
CA VAL A 180 6.98 -8.01 8.31
C VAL A 180 8.18 -8.27 7.40
N LEU A 181 9.30 -7.63 7.70
CA LEU A 181 10.53 -7.70 6.85
C LEU A 181 11.45 -8.48 7.72
N ILE A 182 12.04 -9.51 7.13
CA ILE A 182 13.05 -10.36 7.79
C ILE A 182 14.34 -10.36 6.96
N THR A 183 15.45 -10.21 7.67
CA THR A 183 16.71 -10.43 7.10
C THR A 183 17.64 -11.10 8.15
N HIS A 184 18.91 -11.30 7.77
CA HIS A 184 19.97 -11.80 8.67
C HIS A 184 21.31 -11.03 8.41
N PRO A 185 21.85 -10.42 9.44
CA PRO A 185 23.11 -9.66 9.32
C PRO A 185 24.28 -10.56 8.91
N ASP A 186 24.06 -11.87 8.86
CA ASP A 186 25.12 -12.80 8.46
C ASP A 186 25.23 -12.93 6.93
N GLY A 187 24.28 -12.33 6.23
CA GLY A 187 24.38 -12.18 4.79
C GLY A 187 23.89 -13.39 4.03
N ARG A 188 23.57 -14.46 4.74
CA ARG A 188 23.39 -15.79 4.09
C ARG A 188 22.17 -16.58 4.55
N SER A 189 21.94 -16.56 5.85
CA SER A 189 20.97 -17.47 6.46
C SER A 189 19.50 -17.18 6.16
N HIS A 190 19.22 -15.97 5.70
CA HIS A 190 17.86 -15.66 5.21
C HIS A 190 17.42 -16.61 4.08
N ARG A 191 18.41 -17.17 3.36
CA ARG A 191 18.13 -17.91 2.12
C ARG A 191 17.36 -19.21 2.47
N GLY A 192 16.39 -19.52 1.60
CA GLY A 192 15.53 -20.71 1.72
C GLY A 192 14.50 -20.87 2.85
N ILE A 193 14.41 -19.91 3.77
CA ILE A 193 13.59 -20.04 5.00
C ILE A 193 12.07 -19.94 4.82
N PHE A 194 11.58 -19.52 3.68
CA PHE A 194 10.14 -19.39 3.56
C PHE A 194 9.54 -20.78 3.86
N SER A 195 10.18 -21.82 3.33
CA SER A 195 9.81 -23.18 3.61
C SER A 195 9.56 -23.29 5.11
N ARG A 196 10.59 -23.05 5.91
CA ARG A 196 10.57 -23.41 7.32
C ARG A 196 9.56 -22.53 8.07
N LEU A 197 9.55 -21.25 7.73
CA LEU A 197 8.74 -20.26 8.47
C LEU A 197 7.27 -20.50 8.20
N LEU A 198 6.90 -20.57 6.93
CA LEU A 198 5.49 -20.80 6.63
C LEU A 198 5.02 -22.12 7.20
N ASP A 199 5.84 -23.18 7.16
CA ASP A 199 5.41 -24.52 7.66
C ASP A 199 5.15 -24.44 9.18
N SER A 200 6.06 -23.76 9.89
CA SER A 200 5.86 -23.46 11.31
C SER A 200 4.55 -22.71 11.59
N LEU A 201 4.26 -21.66 10.84
CA LEU A 201 3.08 -20.83 11.11
C LEU A 201 1.82 -21.58 10.76
N ARG A 202 1.96 -22.56 9.88
CA ARG A 202 0.84 -23.43 9.54
C ARG A 202 0.60 -24.46 10.64
N GLN A 203 1.68 -24.96 11.23
CA GLN A 203 1.55 -26.01 12.21
C GLN A 203 0.71 -25.45 13.34
N GLU A 204 0.98 -24.20 13.72
CA GLU A 204 0.24 -23.53 14.79
C GLU A 204 -1.18 -23.13 14.40
N GLY A 205 -1.53 -23.21 13.12
CA GLY A 205 -2.86 -22.85 12.68
C GLY A 205 -3.01 -21.33 12.52
N PHE A 206 -1.93 -20.59 12.57
CA PHE A 206 -1.96 -19.13 12.49
C PHE A 206 -2.33 -18.64 11.09
N LEU A 207 -1.71 -19.22 10.07
CA LEU A 207 -2.01 -18.85 8.65
C LEU A 207 -3.22 -19.59 8.26
N THR A 208 -4.23 -18.92 7.71
CA THR A 208 -5.45 -19.59 7.32
C THR A 208 -5.65 -19.73 5.78
N ASP A 209 -4.89 -18.96 5.01
CA ASP A 209 -4.97 -18.98 3.55
C ASP A 209 -3.77 -18.25 2.96
N ASP A 210 -3.38 -18.66 1.76
CA ASP A 210 -2.24 -18.08 1.05
C ASP A 210 -2.80 -17.39 -0.19
N LEU A 211 -2.30 -16.20 -0.44
CA LEU A 211 -2.69 -15.43 -1.62
C LEU A 211 -1.62 -15.48 -2.66
N VAL A 212 -0.38 -15.23 -2.26
CA VAL A 212 0.72 -15.18 -3.14
C VAL A 212 1.85 -15.82 -2.42
N SER A 213 2.27 -16.97 -2.91
CA SER A 213 3.34 -17.69 -2.27
C SER A 213 3.90 -18.69 -3.23
N GLN A 214 4.98 -18.31 -3.89
CA GLN A 214 5.59 -19.21 -4.84
C GLN A 214 6.58 -20.09 -4.14
N GLU A 215 6.10 -21.15 -3.49
CA GLU A 215 6.95 -22.01 -2.65
C GLU A 215 7.71 -23.09 -3.45
N GLU A 216 7.45 -23.18 -4.77
CA GLU A 216 8.23 -24.06 -5.69
C GLU A 216 9.57 -23.42 -6.03
N ASN A 217 9.61 -22.09 -5.91
CA ASN A 217 10.83 -21.28 -6.14
C ASN A 217 11.66 -21.05 -4.82
N GLY A 218 12.87 -21.66 -4.81
CA GLY A 218 13.93 -21.32 -3.82
C GLY A 218 14.20 -19.82 -3.57
N GLN A 219 13.91 -19.00 -4.58
CA GLN A 219 14.09 -17.57 -4.54
C GLN A 219 12.78 -16.79 -4.38
N GLN A 220 11.80 -17.37 -3.68
CA GLN A 220 10.53 -16.70 -3.42
C GLN A 220 10.85 -15.39 -2.65
N GLN A 221 10.25 -14.27 -2.99
CA GLN A 221 10.54 -13.06 -2.23
C GLN A 221 9.52 -12.71 -1.14
N LYS A 222 8.25 -12.90 -1.43
CA LYS A 222 7.22 -12.46 -0.57
C LYS A 222 6.30 -13.60 -0.32
N TYR A 223 5.62 -13.48 0.82
CA TYR A 223 4.40 -14.19 1.16
C TYR A 223 3.39 -13.11 1.40
N LEU A 224 2.25 -13.22 0.71
CA LEU A 224 1.05 -12.50 1.01
C LEU A 224 -0.04 -13.50 1.36
N GLY A 225 -0.63 -13.36 2.56
CA GLY A 225 -1.66 -14.25 2.97
C GLY A 225 -2.53 -13.74 4.08
N VAL A 226 -3.13 -14.68 4.81
CA VAL A 226 -4.14 -14.37 5.74
C VAL A 226 -3.80 -15.08 7.04
N CYS A 227 -3.97 -14.40 8.17
CA CYS A 227 -3.79 -15.01 9.47
C CYS A 227 -4.90 -14.66 10.45
N ARG A 228 -4.95 -15.38 11.55
CA ARG A 228 -5.89 -15.07 12.64
C ARG A 228 -5.24 -15.47 13.95
N LEU A 229 -5.10 -14.50 14.86
CA LEU A 229 -4.66 -14.82 16.21
C LEU A 229 -5.63 -15.74 16.90
N PRO A 230 -5.13 -16.46 17.91
CA PRO A 230 -5.94 -17.47 18.57
C PRO A 230 -6.97 -16.85 19.56
N GLY A 231 -8.01 -17.56 19.91
CA GLY A 231 -8.97 -17.14 20.99
C GLY A 231 -10.20 -16.48 20.44
N PRO A 232 -11.13 -16.04 21.31
CA PRO A 232 -12.36 -15.43 20.79
C PRO A 232 -12.16 -13.97 20.39
N GLY A 233 -13.14 -13.44 19.72
CA GLY A 233 -13.14 -12.08 19.17
C GLY A 233 -12.02 -11.66 18.24
N ARG A 234 -11.52 -12.59 17.42
CA ARG A 234 -10.47 -12.31 16.51
C ARG A 234 -10.98 -12.39 15.10
N ARG A 235 -10.52 -11.45 14.28
CA ARG A 235 -10.86 -11.42 12.86
C ARG A 235 -9.68 -11.90 12.04
N HIS A 236 -9.95 -12.28 10.79
CA HIS A 236 -8.88 -12.57 9.84
C HIS A 236 -8.17 -11.30 9.42
N ARG A 237 -6.84 -11.36 9.36
CA ARG A 237 -6.04 -10.22 8.97
C ARG A 237 -5.14 -10.58 7.80
N ARG A 238 -4.89 -9.61 6.94
CA ARG A 238 -3.87 -9.72 5.91
C ARG A 238 -2.48 -9.57 6.49
N LEU A 239 -1.59 -10.46 6.06
CA LEU A 239 -0.20 -10.50 6.52
C LEU A 239 0.71 -10.57 5.29
N ASP A 240 1.74 -9.75 5.26
CA ASP A 240 2.70 -9.77 4.19
C ASP A 240 4.04 -9.98 4.83
N ILE A 241 4.84 -10.92 4.30
CA ILE A 241 6.16 -11.20 4.82
C ILE A 241 7.12 -11.12 3.66
N ILE A 242 8.26 -10.42 3.84
CA ILE A 242 9.29 -10.39 2.80
C ILE A 242 10.62 -10.76 3.46
N VAL A 243 11.42 -11.53 2.73
CA VAL A 243 12.71 -12.00 3.26
C VAL A 243 13.79 -11.54 2.29
N VAL A 244 14.77 -10.82 2.80
CA VAL A 244 15.70 -10.08 1.96
C VAL A 244 17.11 -10.26 2.45
N PRO A 245 18.08 -10.27 1.51
CA PRO A 245 19.43 -10.30 1.97
C PRO A 245 19.84 -9.00 2.69
N TYR A 246 20.79 -9.13 3.61
CA TYR A 246 21.14 -8.00 4.48
C TYR A 246 21.64 -6.79 3.71
N SER A 247 22.38 -6.98 2.61
CA SER A 247 22.92 -5.84 1.84
C SER A 247 21.78 -4.95 1.31
N GLU A 248 20.58 -5.53 1.24
CA GLU A 248 19.37 -4.83 0.69
C GLU A 248 18.47 -4.32 1.77
N PHE A 249 18.90 -4.39 3.03
CA PHE A 249 18.03 -4.13 4.18
C PHE A 249 17.54 -2.71 4.22
N ALA A 250 18.45 -1.73 4.08
CA ALA A 250 18.01 -0.35 4.11
C ALA A 250 17.01 -0.03 2.98
N CYS A 251 17.27 -0.46 1.74
CA CYS A 251 16.30 -0.26 0.67
C CYS A 251 14.97 -1.00 0.81
N ALA A 252 15.04 -2.21 1.35
CA ALA A 252 13.82 -2.98 1.69
C ALA A 252 12.98 -2.32 2.79
N LEU A 253 13.64 -1.75 3.78
CA LEU A 253 12.97 -1.09 4.86
C LEU A 253 12.29 0.22 4.41
N LEU A 254 13.04 0.99 3.65
CA LEU A 254 12.49 2.19 3.03
C LEU A 254 11.25 1.85 2.20
N TYR A 255 11.41 0.89 1.29
CA TYR A 255 10.29 0.47 0.42
C TYR A 255 9.07 0.05 1.22
N PHE A 256 9.28 -0.85 2.15
CA PHE A 256 8.19 -1.56 2.82
C PHE A 256 7.58 -0.61 3.84
N THR A 257 8.30 0.43 4.25
CA THR A 257 7.69 1.41 5.16
C THR A 257 6.79 2.40 4.47
N GLY A 258 7.13 2.78 3.23
CA GLY A 258 6.26 3.65 2.49
C GLY A 258 6.19 5.08 3.11
N SER A 259 5.10 5.82 2.88
CA SER A 259 3.92 5.39 2.19
C SER A 259 4.18 5.10 0.69
N ALA A 260 3.19 4.57 -0.01
CA ALA A 260 3.31 4.35 -1.47
C ALA A 260 3.61 5.66 -2.21
N HIS A 261 2.90 6.73 -1.88
CA HIS A 261 3.22 8.04 -2.45
C HIS A 261 4.55 8.54 -2.14
N PHE A 262 5.01 8.35 -0.92
CA PHE A 262 6.33 8.77 -0.53
C PHE A 262 7.33 8.04 -1.42
N ASN A 263 7.14 6.74 -1.60
CA ASN A 263 8.15 5.95 -2.36
C ASN A 263 8.12 6.45 -3.82
N ARG A 264 6.92 6.61 -4.39
CA ARG A 264 6.82 7.07 -5.78
C ARG A 264 7.53 8.36 -5.94
N SER A 265 7.35 9.27 -5.01
CA SER A 265 8.06 10.52 -5.05
C SER A 265 9.57 10.45 -4.91
N MET A 266 10.03 9.70 -3.93
CA MET A 266 11.45 9.47 -3.81
C MET A 266 12.09 8.85 -5.10
N ARG A 267 11.43 7.83 -5.65
CA ARG A 267 11.92 7.17 -6.90
C ARG A 267 11.95 8.17 -8.08
N ALA A 268 10.84 8.92 -8.26
CA ALA A 268 10.78 9.97 -9.32
C ALA A 268 11.96 10.87 -9.17
N LEU A 269 12.24 11.21 -7.93
CA LEU A 269 13.31 12.15 -7.69
C LEU A 269 14.72 11.53 -7.98
N ALA A 270 14.97 10.33 -7.48
CA ALA A 270 16.23 9.66 -7.78
C ALA A 270 16.48 9.73 -9.27
N LYS A 271 15.41 9.57 -10.01
CA LYS A 271 15.46 9.43 -11.45
C LYS A 271 15.87 10.75 -12.03
N THR A 272 15.46 11.86 -11.42
CA THR A 272 15.96 13.15 -11.88
C THR A 272 17.41 13.36 -11.62
N LYS A 273 18.06 12.49 -10.85
CA LYS A 273 19.46 12.72 -10.50
C LYS A 273 20.40 11.69 -11.09
N GLY A 274 19.94 11.01 -12.14
CA GLY A 274 20.70 9.95 -12.77
C GLY A 274 20.79 8.72 -11.88
N MET A 275 19.81 8.49 -11.00
CA MET A 275 19.82 7.33 -10.14
C MET A 275 18.55 6.51 -10.31
N SER A 276 18.48 5.37 -9.63
CA SER A 276 17.27 4.51 -9.69
C SER A 276 17.14 3.86 -8.35
N LEU A 277 15.95 3.92 -7.76
CA LEU A 277 15.73 3.44 -6.44
C LEU A 277 14.64 2.36 -6.50
N SER A 278 14.98 1.19 -6.01
CA SER A 278 13.99 0.11 -5.81
C SER A 278 14.15 -0.47 -4.39
N GLU A 279 13.29 -1.45 -4.09
CA GLU A 279 13.35 -2.29 -2.88
C GLU A 279 14.63 -3.07 -2.74
N HIS A 280 15.34 -3.29 -3.85
CA HIS A 280 16.65 -3.93 -3.77
C HIS A 280 17.84 -2.98 -3.57
N ALA A 281 17.86 -1.82 -4.26
CA ALA A 281 19.00 -0.96 -4.19
C ALA A 281 18.74 0.45 -4.70
N LEU A 282 19.65 1.35 -4.32
CA LEU A 282 19.85 2.62 -5.04
C LEU A 282 21.02 2.45 -5.93
N SER A 283 20.84 2.79 -7.22
CA SER A 283 21.87 2.64 -8.24
C SER A 283 22.05 3.96 -9.04
N THR A 284 23.22 4.15 -9.64
CA THR A 284 23.38 4.93 -10.89
C THR A 284 22.46 4.39 -11.97
N ALA A 285 22.02 5.27 -12.87
CA ALA A 285 21.16 4.85 -13.98
C ALA A 285 22.03 4.18 -15.06
N VAL A 286 21.36 3.49 -15.97
CA VAL A 286 22.05 2.66 -16.97
C VAL A 286 22.74 3.50 -18.04
N PRO A 297 24.68 -0.22 -18.04
CA PRO A 297 24.35 -0.80 -16.72
C PRO A 297 24.79 0.07 -15.54
N GLY A 298 23.84 0.55 -14.74
CA GLY A 298 24.18 1.33 -13.56
C GLY A 298 25.01 0.54 -12.57
N ARG A 299 25.41 1.20 -11.46
CA ARG A 299 26.19 0.64 -10.38
C ARG A 299 25.34 0.79 -9.12
N VAL A 300 25.26 -0.28 -8.33
CA VAL A 300 24.68 -0.22 -7.01
C VAL A 300 25.58 0.60 -6.05
N LEU A 301 24.97 1.48 -5.28
CA LEU A 301 25.67 2.32 -4.32
C LEU A 301 25.46 1.69 -3.00
N PRO A 302 26.41 1.88 -2.08
CA PRO A 302 26.29 1.28 -0.76
C PRO A 302 25.33 2.02 0.14
N THR A 303 24.38 1.30 0.67
CA THR A 303 23.38 1.93 1.53
C THR A 303 23.18 1.10 2.79
N PRO A 304 24.07 1.22 3.79
CA PRO A 304 23.88 0.41 4.99
C PRO A 304 22.67 0.78 5.83
N THR A 305 22.23 2.04 5.77
CA THR A 305 21.09 2.55 6.58
C THR A 305 20.19 3.40 5.68
N GLU A 306 18.94 3.58 6.09
CA GLU A 306 18.04 4.48 5.44
C GLU A 306 18.62 5.86 5.29
N LYS A 307 19.36 6.32 6.30
CA LYS A 307 19.98 7.64 6.19
C LYS A 307 20.91 7.77 4.98
N ASP A 308 21.56 6.67 4.60
CA ASP A 308 22.46 6.69 3.45
C ASP A 308 21.69 6.91 2.14
N VAL A 309 20.47 6.35 2.03
CA VAL A 309 19.63 6.58 0.86
C VAL A 309 19.31 8.05 0.82
N PHE A 310 18.86 8.60 1.95
CA PHE A 310 18.54 10.02 1.97
C PHE A 310 19.76 10.84 1.54
N ARG A 311 20.90 10.62 2.18
CA ARG A 311 22.09 11.40 1.91
C ARG A 311 22.59 11.34 0.47
N LEU A 312 22.51 10.15 -0.13
CA LEU A 312 22.96 10.01 -1.51
C LEU A 312 22.01 10.71 -2.50
N LEU A 313 20.74 10.86 -2.12
CA LEU A 313 19.83 11.64 -2.94
C LEU A 313 19.86 13.16 -2.66
N GLY A 314 20.77 13.60 -1.81
CA GLY A 314 20.83 15.01 -1.38
C GLY A 314 19.66 15.49 -0.52
N LEU A 315 18.97 14.58 0.14
CA LEU A 315 17.81 14.93 0.99
C LEU A 315 18.10 14.75 2.46
N PRO A 316 17.47 15.57 3.30
CA PRO A 316 17.64 15.35 4.72
C PRO A 316 16.71 14.20 5.13
N TYR A 317 17.12 13.49 6.17
CA TYR A 317 16.43 12.33 6.60
C TYR A 317 15.01 12.71 7.00
N ARG A 318 14.08 11.77 6.86
CA ARG A 318 12.73 11.90 7.38
C ARG A 318 12.39 10.64 8.20
N GLU A 319 12.11 10.82 9.50
CA GLU A 319 11.53 9.79 10.36
C GLU A 319 10.37 9.11 9.60
N PRO A 320 10.15 7.80 9.81
CA PRO A 320 8.99 7.13 9.18
C PRO A 320 7.66 7.81 9.41
N ALA A 321 7.44 8.38 10.59
CA ALA A 321 6.19 9.11 10.87
C ALA A 321 6.00 10.29 9.92
N GLU A 322 7.08 10.89 9.40
CA GLU A 322 6.92 11.98 8.44
C GLU A 322 6.86 11.50 6.97
N ARG A 323 6.67 10.22 6.73
CA ARG A 323 6.62 9.74 5.35
C ARG A 323 5.25 9.39 4.97
N ASP A 324 4.28 9.93 5.69
CA ASP A 324 2.99 9.28 5.75
C ASP A 324 2.19 10.09 4.84
N TRP A 325 2.51 10.03 3.55
CA TRP A 325 1.75 10.71 2.53
C TRP A 325 0.60 9.84 2.05
#